data_9UZT
#
_entry.id   9UZT
#
_cell.length_a   94.950
_cell.length_b   94.950
_cell.length_c   100.514
_cell.angle_alpha   90.00
_cell.angle_beta   90.00
_cell.angle_gamma   120.00
#
_symmetry.space_group_name_H-M   'P 32 2 1'
#
loop_
_entity.id
_entity.type
_entity.pdbx_description
1 polymer 'Tyrosine-protein phosphatase non-receptor type 2'
2 non-polymer ~{N}-cycloheptyl-4-[3-fluoranyl-5-oxidanyl-4-[1,1,4-tris(oxidanylidene)-1,2,5-thiadiazolidin-2-yl]phenyl]-1~{H}-imidazole-2-carboxamide
3 water water
#
_entity_poly.entity_id   1
_entity_poly.type   'polypeptide(L)'
_entity_poly.pdbx_seq_one_letter_code
;PLGSPWGSIEREFEELDTQRRWQPLYLEIRNESHDYPHRVAKFPENRNRNRYRDVSPYDHSRVKLQNAENDYINASLVDI
EEAQRSYILTQGPLPNTCCHFWLMVWQQKTKAVVMLNRIVEKESVKCAQYWPTDDQEMLFKETGFSVKLLSEDVKSYYTV
HLLQLENINSGETRTISHFHYTTWPDFGVPESPASFLNFLFKVRESGSLNPDHGPAVIHCSAGIGRSGTFSLVDTCLVLM
EKGDDINIKQVLLNMRKYRMGLIQTPDQLRFSYMAIIEGAKCIKGDSSIQKRWKELSKED
;
_entity_poly.pdbx_strand_id   B
#
loop_
_chem_comp.id
_chem_comp.type
_chem_comp.name
_chem_comp.formula
A1EQR non-polymer ~{N}-cycloheptyl-4-[3-fluoranyl-5-oxidanyl-4-[1,1,4-tris(oxidanylidene)-1,2,5-thiadiazolidin-2-yl]phenyl]-1~{H}-imidazole-2-carboxamide 'C19 H22 F N5 O5 S'
#
# COMPACT_ATOMS: atom_id res chain seq x y z
N PRO A 1 2.24 -12.16 -29.91
CA PRO A 1 3.51 -12.71 -30.39
C PRO A 1 4.38 -13.24 -29.24
N LEU A 2 5.30 -14.14 -29.61
CA LEU A 2 5.95 -15.01 -28.65
C LEU A 2 6.74 -14.24 -27.62
N GLY A 3 7.61 -13.36 -28.04
CA GLY A 3 8.42 -12.74 -26.99
C GLY A 3 7.80 -11.49 -26.36
N SER A 4 6.48 -11.36 -26.38
CA SER A 4 5.81 -10.13 -25.95
C SER A 4 4.65 -10.44 -25.03
N PRO A 5 4.94 -10.86 -23.80
CA PRO A 5 3.85 -11.18 -22.84
C PRO A 5 2.99 -9.97 -22.46
N TRP A 6 3.52 -8.75 -22.60
CA TRP A 6 2.79 -7.51 -22.39
C TRP A 6 1.89 -7.12 -23.56
N GLY A 7 1.86 -7.93 -24.63
CA GLY A 7 1.24 -7.49 -25.88
C GLY A 7 -0.20 -7.06 -25.72
N SER A 8 -1.01 -7.88 -25.07
CA SER A 8 -2.44 -7.56 -25.04
C SER A 8 -2.72 -6.31 -24.20
N ILE A 9 -2.00 -6.15 -23.08
CA ILE A 9 -2.13 -4.94 -22.28
C ILE A 9 -1.61 -3.73 -23.05
N GLU A 10 -0.48 -3.89 -23.74
CA GLU A 10 0.04 -2.76 -24.53
C GLU A 10 -0.93 -2.37 -25.63
N ARG A 11 -1.56 -3.36 -26.29
CA ARG A 11 -2.57 -3.04 -27.29
C ARG A 11 -3.75 -2.30 -26.66
N GLU A 12 -4.20 -2.75 -25.49
CA GLU A 12 -5.25 -2.04 -24.77
C GLU A 12 -4.81 -0.62 -24.49
N PHE A 13 -3.58 -0.48 -23.99
CA PHE A 13 -3.08 0.83 -23.61
C PHE A 13 -3.14 1.81 -24.79
N GLU A 14 -2.61 1.39 -25.95
CA GLU A 14 -2.59 2.27 -27.12
C GLU A 14 -4.00 2.59 -27.59
N GLU A 15 -4.87 1.60 -27.52
CA GLU A 15 -6.27 1.79 -27.87
C GLU A 15 -6.93 2.83 -26.97
N LEU A 16 -6.65 2.80 -25.66
CA LEU A 16 -7.28 3.77 -24.76
C LEU A 16 -6.66 5.15 -24.91
N ASP A 17 -5.35 5.20 -25.19
CA ASP A 17 -4.69 6.47 -25.48
C ASP A 17 -5.23 7.11 -26.77
N THR A 18 -5.38 6.31 -27.82
CA THR A 18 -5.84 6.85 -29.10
C THR A 18 -7.25 7.44 -28.99
N GLN A 19 -8.18 6.67 -28.42
CA GLN A 19 -9.53 7.17 -28.20
C GLN A 19 -9.68 8.04 -26.97
N ARG A 20 -8.58 8.39 -26.29
CA ARG A 20 -8.61 9.20 -25.08
C ARG A 20 -9.74 8.76 -24.14
N ARG A 21 -9.71 7.48 -23.75
CA ARG A 21 -10.78 6.91 -22.93
C ARG A 21 -10.33 6.65 -21.48
N TRP A 22 -9.23 7.25 -21.04
CA TRP A 22 -8.80 7.03 -19.66
C TRP A 22 -9.81 7.56 -18.66
N GLN A 23 -10.31 8.80 -18.86
CA GLN A 23 -11.34 9.32 -17.97
C GLN A 23 -12.64 8.52 -17.98
N PRO A 24 -13.25 8.19 -19.13
CA PRO A 24 -14.41 7.28 -19.09
C PRO A 24 -14.12 5.90 -18.49
N LEU A 25 -12.94 5.32 -18.77
CA LEU A 25 -12.65 4.03 -18.15
C LEU A 25 -12.60 4.16 -16.63
N TYR A 26 -11.92 5.21 -16.14
CA TYR A 26 -11.88 5.45 -14.70
C TYR A 26 -13.30 5.62 -14.13
N LEU A 27 -14.17 6.29 -14.86
CA LEU A 27 -15.53 6.48 -14.35
C LEU A 27 -16.30 5.17 -14.31
N GLU A 28 -16.08 4.31 -15.32
CA GLU A 28 -16.67 2.97 -15.27
C GLU A 28 -16.29 2.25 -13.99
N ILE A 29 -15.00 2.31 -13.64
CA ILE A 29 -14.55 1.62 -12.44
C ILE A 29 -15.23 2.19 -11.22
N ARG A 30 -15.31 3.53 -11.13
CA ARG A 30 -15.97 4.18 -10.01
C ARG A 30 -17.43 3.78 -9.93
N ASN A 31 -18.15 3.84 -11.06
CA ASN A 31 -19.57 3.49 -11.12
C ASN A 31 -19.80 2.03 -10.74
N GLU A 32 -18.93 1.09 -11.18
CA GLU A 32 -19.14 -0.33 -10.92
C GLU A 32 -18.60 -0.79 -9.56
N SER A 33 -17.86 0.05 -8.85
CA SER A 33 -17.45 -0.30 -7.49
C SER A 33 -18.65 -0.16 -6.56
N HIS A 34 -18.93 -1.19 -5.77
CA HIS A 34 -20.08 -1.15 -4.89
C HIS A 34 -19.64 -1.03 -3.44
N ASP A 35 -20.46 -0.37 -2.66
CA ASP A 35 -20.20 -0.18 -1.23
C ASP A 35 -20.38 -1.51 -0.50
N TYR A 36 -19.75 -1.61 0.67
CA TYR A 36 -19.88 -2.73 1.61
C TYR A 36 -19.97 -2.12 2.99
N PRO A 37 -20.57 -2.83 3.96
CA PRO A 37 -20.65 -2.31 5.33
C PRO A 37 -19.31 -1.83 5.87
N HIS A 38 -19.31 -0.67 6.52
CA HIS A 38 -18.16 -0.19 7.25
C HIS A 38 -18.63 0.42 8.56
N ARG A 39 -19.41 -0.34 9.31
CA ARG A 39 -20.03 0.21 10.51
C ARG A 39 -19.01 0.45 11.60
N VAL A 40 -18.05 -0.46 11.78
CA VAL A 40 -17.11 -0.33 12.90
C VAL A 40 -16.31 0.97 12.77
N ALA A 41 -15.96 1.35 11.54
CA ALA A 41 -15.20 2.57 11.29
C ALA A 41 -15.93 3.80 11.77
N LYS A 42 -17.27 3.75 11.76
CA LYS A 42 -18.12 4.89 12.05
C LYS A 42 -18.59 4.93 13.51
N PHE A 43 -18.17 3.98 14.36
CA PHE A 43 -18.52 4.05 15.77
C PHE A 43 -17.97 5.34 16.35
N PRO A 44 -18.71 5.99 17.27
CA PRO A 44 -18.20 7.23 17.87
C PRO A 44 -16.84 7.06 18.52
N GLU A 45 -16.56 5.92 19.13
CA GLU A 45 -15.28 5.81 19.81
C GLU A 45 -14.10 5.71 18.83
N ASN A 46 -14.35 5.48 17.55
CA ASN A 46 -13.28 5.40 16.56
C ASN A 46 -13.12 6.68 15.75
N ARG A 47 -13.80 7.76 16.12
CA ARG A 47 -13.72 8.98 15.33
C ARG A 47 -12.28 9.47 15.19
N ASN A 48 -11.51 9.47 16.28
CA ASN A 48 -10.15 9.97 16.26
C ASN A 48 -9.14 8.94 15.78
N ARG A 49 -9.58 7.77 15.31
CA ARG A 49 -8.69 6.78 14.71
C ARG A 49 -8.71 6.81 13.19
N ASN A 50 -9.50 7.70 12.59
CA ASN A 50 -9.64 7.82 11.15
C ASN A 50 -9.05 9.14 10.70
N ARG A 51 -8.15 9.08 9.72
CA ARG A 51 -7.58 10.32 9.19
C ARG A 51 -8.62 11.11 8.42
N TYR A 52 -9.46 10.43 7.63
CA TYR A 52 -10.46 11.03 6.77
C TYR A 52 -11.79 10.34 7.00
N ARG A 53 -12.86 11.11 7.22
CA ARG A 53 -14.19 10.53 7.42
C ARG A 53 -14.66 9.75 6.20
N ASP A 54 -14.19 10.12 5.01
CA ASP A 54 -14.57 9.51 3.75
C ASP A 54 -13.85 8.19 3.45
N VAL A 55 -12.80 7.86 4.18
CA VAL A 55 -12.01 6.69 3.83
C VAL A 55 -12.03 5.75 5.01
N SER A 56 -12.75 4.63 4.86
CA SER A 56 -12.99 3.64 5.90
C SER A 56 -12.75 2.24 5.39
N PRO A 57 -12.20 1.36 6.23
CA PRO A 57 -12.14 -0.06 5.87
C PRO A 57 -13.52 -0.72 5.94
N TYR A 58 -13.75 -1.64 5.03
CA TYR A 58 -14.95 -2.47 5.13
C TYR A 58 -14.85 -3.39 6.36
N ASP A 59 -16.02 -3.73 6.92
CA ASP A 59 -16.10 -4.63 8.07
C ASP A 59 -15.59 -6.03 7.74
N HIS A 60 -15.89 -6.54 6.55
CA HIS A 60 -15.52 -7.92 6.23
C HIS A 60 -14.03 -8.10 5.99
N SER A 61 -13.25 -7.01 5.88
CA SER A 61 -11.82 -7.15 5.60
C SER A 61 -10.94 -6.29 6.47
N ARG A 62 -11.50 -5.63 7.48
CA ARG A 62 -10.64 -4.81 8.33
C ARG A 62 -9.69 -5.72 9.11
N VAL A 63 -8.47 -5.22 9.31
CA VAL A 63 -7.51 -5.86 10.20
C VAL A 63 -7.90 -5.52 11.64
N LYS A 64 -8.00 -6.53 12.49
CA LYS A 64 -8.38 -6.34 13.88
C LYS A 64 -7.13 -6.32 14.74
N LEU A 65 -7.07 -5.39 15.68
CA LEU A 65 -6.05 -5.43 16.71
C LEU A 65 -6.51 -6.45 17.75
N GLN A 66 -5.70 -7.49 17.94
CA GLN A 66 -6.04 -8.58 18.85
C GLN A 66 -5.75 -8.16 20.29
N ASN A 67 -6.48 -8.80 21.23
CA ASN A 67 -6.24 -8.60 22.66
C ASN A 67 -6.27 -7.11 23.04
N ALA A 68 -7.22 -6.37 22.48
CA ALA A 68 -7.30 -4.94 22.71
C ALA A 68 -8.71 -4.62 23.12
N GLU A 69 -8.85 -3.66 24.04
CA GLU A 69 -10.18 -3.20 24.39
C GLU A 69 -10.91 -2.67 23.16
N ASN A 70 -10.24 -1.83 22.37
CA ASN A 70 -10.73 -1.38 21.08
C ASN A 70 -9.86 -2.01 20.00
N ASP A 71 -10.46 -2.83 19.14
CA ASP A 71 -9.71 -3.59 18.15
C ASP A 71 -9.63 -2.89 16.78
N TYR A 72 -10.09 -1.63 16.69
CA TYR A 72 -10.23 -0.97 15.40
C TYR A 72 -8.96 -0.21 14.99
N ILE A 73 -8.52 -0.47 13.76
CA ILE A 73 -7.55 0.38 13.07
C ILE A 73 -8.03 0.53 11.64
N ASN A 74 -7.78 1.68 11.03
CA ASN A 74 -8.16 1.90 9.64
C ASN A 74 -7.12 1.20 8.76
N ALA A 75 -7.33 -0.10 8.54
CA ALA A 75 -6.44 -0.96 7.76
C ALA A 75 -7.27 -2.08 7.19
N SER A 76 -7.01 -2.43 5.93
CA SER A 76 -7.77 -3.45 5.22
C SER A 76 -6.81 -4.53 4.74
N LEU A 77 -7.22 -5.80 4.90
CA LEU A 77 -6.50 -6.94 4.33
C LEU A 77 -6.98 -7.17 2.88
N VAL A 78 -6.10 -6.95 1.92
CA VAL A 78 -6.45 -7.05 0.51
C VAL A 78 -5.81 -8.31 -0.03
N ASP A 79 -6.57 -9.34 -0.31
CA ASP A 79 -5.89 -10.51 -0.88
C ASP A 79 -6.41 -10.85 -2.26
N ILE A 80 -5.51 -11.34 -3.07
CA ILE A 80 -5.77 -11.70 -4.44
C ILE A 80 -5.38 -13.18 -4.51
N GLU A 81 -6.36 -14.06 -4.35
CA GLU A 81 -6.08 -15.49 -4.25
C GLU A 81 -5.39 -16.03 -5.50
N GLU A 82 -5.86 -15.63 -6.70
CA GLU A 82 -5.30 -16.09 -7.97
C GLU A 82 -3.81 -15.81 -8.07
N ALA A 83 -3.34 -14.80 -7.34
CA ALA A 83 -1.93 -14.43 -7.31
C ALA A 83 -1.23 -14.89 -6.04
N GLN A 84 -1.93 -15.46 -5.07
CA GLN A 84 -1.35 -15.78 -3.77
C GLN A 84 -0.66 -14.57 -3.16
N ARG A 85 -1.27 -13.41 -3.32
CA ARG A 85 -0.75 -12.16 -2.81
C ARG A 85 -1.72 -11.66 -1.76
N SER A 86 -1.16 -11.17 -0.68
CA SER A 86 -1.93 -10.55 0.39
C SER A 86 -1.20 -9.28 0.79
N TYR A 87 -1.93 -8.16 0.99
CA TYR A 87 -1.37 -6.91 1.52
C TYR A 87 -2.29 -6.29 2.55
N ILE A 88 -1.70 -5.55 3.48
CA ILE A 88 -2.49 -4.70 4.35
C ILE A 88 -2.31 -3.26 3.85
N LEU A 89 -3.41 -2.65 3.45
CA LEU A 89 -3.45 -1.23 3.06
C LEU A 89 -4.03 -0.43 4.19
N THR A 90 -3.35 0.64 4.57
CA THR A 90 -3.78 1.37 5.75
C THR A 90 -3.49 2.85 5.50
N GLN A 91 -4.19 3.71 6.25
CA GLN A 91 -3.93 5.14 6.19
C GLN A 91 -2.56 5.45 6.84
N GLY A 92 -2.02 6.65 6.55
CA GLY A 92 -0.89 7.13 7.31
C GLY A 92 -1.32 7.32 8.75
N PRO A 93 -0.64 6.70 9.71
CA PRO A 93 -1.06 6.79 11.09
C PRO A 93 -1.08 8.22 11.63
N LEU A 94 -2.03 8.48 12.52
CA LEU A 94 -2.17 9.72 13.26
C LEU A 94 -1.30 9.64 14.51
N PRO A 95 -0.99 10.77 15.15
CA PRO A 95 -0.13 10.70 16.35
C PRO A 95 -0.67 9.71 17.37
N ASN A 96 -1.98 9.63 17.51
CA ASN A 96 -2.57 8.76 18.52
C ASN A 96 -2.79 7.32 18.04
N THR A 97 -2.54 7.02 16.77
CA THR A 97 -2.65 5.64 16.30
C THR A 97 -1.33 5.05 15.85
N CYS A 98 -0.20 5.73 16.09
CA CYS A 98 1.08 5.10 15.77
C CYS A 98 1.31 3.84 16.61
N CYS A 99 0.83 3.85 17.87
CA CYS A 99 0.94 2.66 18.72
C CYS A 99 0.14 1.49 18.15
N HIS A 100 -1.06 1.76 17.60
CA HIS A 100 -1.87 0.70 16.99
C HIS A 100 -1.23 0.17 15.72
N PHE A 101 -0.63 1.08 14.92
CA PHE A 101 0.06 0.68 13.70
C PHE A 101 1.16 -0.35 13.99
N TRP A 102 1.98 -0.09 14.99
CA TRP A 102 3.07 -1.01 15.30
C TRP A 102 2.56 -2.30 15.95
N LEU A 103 1.52 -2.19 16.77
CA LEU A 103 0.88 -3.41 17.28
C LEU A 103 0.38 -4.29 16.15
N MET A 104 -0.28 -3.70 15.14
CA MET A 104 -0.68 -4.44 13.95
C MET A 104 0.50 -5.07 13.25
N VAL A 105 1.55 -4.29 13.01
CA VAL A 105 2.70 -4.82 12.31
C VAL A 105 3.21 -6.06 13.06
N TRP A 106 3.25 -5.97 14.39
CA TRP A 106 3.77 -7.08 15.20
C TRP A 106 2.85 -8.31 15.10
N GLN A 107 1.55 -8.11 15.32
CA GLN A 107 0.61 -9.23 15.36
C GLN A 107 0.48 -9.90 14.01
N GLN A 108 0.59 -9.14 12.92
CA GLN A 108 0.45 -9.72 11.59
C GLN A 108 1.73 -10.33 11.04
N LYS A 109 2.84 -10.24 11.78
CA LYS A 109 4.14 -10.83 11.37
C LYS A 109 4.65 -10.20 10.07
N THR A 110 4.29 -8.93 9.89
CA THR A 110 4.78 -8.11 8.80
C THR A 110 6.30 -7.92 8.88
N LYS A 111 6.94 -8.04 7.72
CA LYS A 111 8.37 -7.80 7.54
C LYS A 111 8.68 -6.48 6.86
N ALA A 112 7.82 -6.01 5.94
CA ALA A 112 8.03 -4.77 5.19
C ALA A 112 6.86 -3.81 5.36
N VAL A 113 7.21 -2.53 5.50
CA VAL A 113 6.27 -1.41 5.39
C VAL A 113 6.64 -0.63 4.14
N VAL A 114 5.67 -0.49 3.23
CA VAL A 114 5.87 0.32 2.03
C VAL A 114 5.13 1.64 2.24
N MET A 115 5.88 2.75 2.28
CA MET A 115 5.36 4.09 2.51
C MET A 115 5.51 4.89 1.22
N LEU A 116 4.40 5.44 0.72
CA LEU A 116 4.41 6.04 -0.61
C LEU A 116 4.21 7.53 -0.57
N ASN A 117 4.16 8.13 0.62
CA ASN A 117 3.85 9.54 0.78
C ASN A 117 4.99 10.24 1.51
N ARG A 118 5.00 11.57 1.47
CA ARG A 118 5.83 12.33 2.40
C ARG A 118 5.02 12.67 3.65
N ILE A 119 5.71 12.91 4.75
CA ILE A 119 5.06 13.34 5.99
C ILE A 119 4.28 14.64 5.75
N VAL A 120 4.86 15.58 5.02
CA VAL A 120 4.25 16.88 4.68
C VAL A 120 4.11 16.96 3.16
N GLU A 121 2.90 17.24 2.67
CA GLU A 121 2.69 17.43 1.24
C GLU A 121 1.81 18.68 1.06
N LYS A 122 2.25 19.61 0.23
CA LYS A 122 1.42 20.80 -0.09
C LYS A 122 0.90 21.52 1.17
N GLU A 123 1.81 21.80 2.08
CA GLU A 123 1.50 22.50 3.35
C GLU A 123 0.44 21.82 4.20
N SER A 124 0.42 20.50 4.19
CA SER A 124 -0.46 19.73 5.06
C SER A 124 0.27 18.48 5.55
N VAL A 125 0.06 18.10 6.81
CA VAL A 125 0.60 16.84 7.33
C VAL A 125 -0.26 15.67 6.86
N LYS A 126 0.36 14.73 6.14
CA LYS A 126 -0.36 13.57 5.60
C LYS A 126 -0.20 12.29 6.40
N CYS A 127 0.66 12.28 7.42
CA CYS A 127 1.09 11.08 8.13
C CYS A 127 1.92 11.54 9.33
N ALA A 128 1.73 10.91 10.49
CA ALA A 128 2.60 11.21 11.62
C ALA A 128 3.98 10.58 11.39
N GLN A 129 5.00 11.16 12.06
CA GLN A 129 6.36 10.64 12.09
C GLN A 129 6.37 9.44 13.01
N TYR A 130 6.14 8.25 12.45
CA TYR A 130 5.95 7.07 13.29
C TYR A 130 7.19 6.21 13.44
N TRP A 131 8.32 6.62 12.87
CA TRP A 131 9.59 5.96 13.10
C TRP A 131 10.60 7.05 13.39
N PRO A 132 11.65 6.74 14.16
CA PRO A 132 12.63 7.78 14.53
C PRO A 132 13.56 8.07 13.38
N THR A 133 14.00 9.33 13.27
CA THR A 133 14.92 9.76 12.22
C THR A 133 16.38 9.75 12.67
N ASP A 134 16.63 9.71 13.98
CA ASP A 134 17.99 9.67 14.50
C ASP A 134 18.13 8.45 15.42
N ASP A 135 19.11 8.47 16.34
CA ASP A 135 19.41 7.31 17.17
C ASP A 135 18.56 7.23 18.44
N GLN A 136 17.62 8.14 18.65
CA GLN A 136 16.77 8.11 19.85
C GLN A 136 15.61 7.15 19.62
N GLU A 137 15.30 6.33 20.61
CA GLU A 137 14.24 5.35 20.41
C GLU A 137 12.87 6.00 20.57
N MET A 138 11.93 5.50 19.81
CA MET A 138 10.57 5.98 19.86
C MET A 138 9.78 4.95 20.65
N LEU A 139 9.13 5.39 21.71
CA LEU A 139 8.41 4.51 22.63
C LEU A 139 6.92 4.61 22.39
N PHE A 140 6.24 3.47 22.27
CA PHE A 140 4.77 3.53 22.21
C PHE A 140 4.24 2.73 23.41
N LYS A 141 4.12 3.43 24.54
CA LYS A 141 3.77 2.73 25.77
C LYS A 141 2.35 2.21 25.77
N GLU A 142 1.45 2.85 25.00
CA GLU A 142 0.06 2.40 24.90
C GLU A 142 -0.04 0.93 24.50
N THR A 143 0.82 0.47 23.61
CA THR A 143 0.75 -0.89 23.09
C THR A 143 2.01 -1.69 23.42
N GLY A 144 3.00 -1.09 24.07
CA GLY A 144 4.21 -1.84 24.44
C GLY A 144 5.25 -2.10 23.38
N PHE A 145 5.53 -1.10 22.54
CA PHE A 145 6.52 -1.26 21.49
C PHE A 145 7.52 -0.11 21.52
N SER A 146 8.72 -0.39 21.08
CA SER A 146 9.71 0.64 20.83
C SER A 146 10.31 0.41 19.45
N VAL A 147 10.66 1.50 18.74
CA VAL A 147 11.25 1.42 17.41
C VAL A 147 12.58 2.14 17.42
N LYS A 148 13.61 1.50 16.90
CA LYS A 148 14.94 2.10 16.76
C LYS A 148 15.37 2.11 15.31
N LEU A 149 15.98 3.21 14.84
CA LEU A 149 16.53 3.23 13.48
C LEU A 149 17.86 2.47 13.48
N LEU A 150 18.00 1.48 12.59
CA LEU A 150 19.23 0.69 12.47
C LEU A 150 20.10 1.20 11.35
N SER A 151 19.48 1.58 10.24
CA SER A 151 20.24 2.05 9.10
C SER A 151 19.34 2.75 8.13
N GLU A 152 19.95 3.50 7.25
CA GLU A 152 19.23 4.33 6.31
C GLU A 152 20.00 4.27 5.01
N ASP A 153 19.30 4.00 3.92
CA ASP A 153 19.91 3.91 2.59
C ASP A 153 19.16 4.85 1.65
N VAL A 154 19.75 5.99 1.37
CA VAL A 154 19.09 7.08 0.70
C VAL A 154 19.44 6.98 -0.78
N LYS A 155 18.43 6.91 -1.63
CA LYS A 155 18.63 6.98 -3.06
C LYS A 155 17.89 8.20 -3.59
N SER A 156 17.97 8.43 -4.90
CA SER A 156 17.47 9.68 -5.49
C SER A 156 15.96 9.86 -5.28
N TYR A 157 15.18 8.79 -5.45
CA TYR A 157 13.73 8.85 -5.41
C TYR A 157 13.10 8.12 -4.23
N TYR A 158 13.87 7.35 -3.46
CA TYR A 158 13.35 6.64 -2.32
C TYR A 158 14.46 6.40 -1.31
N THR A 159 14.05 6.05 -0.09
CA THR A 159 14.96 5.72 1.00
C THR A 159 14.49 4.42 1.65
N VAL A 160 15.44 3.56 2.06
CA VAL A 160 15.10 2.36 2.82
C VAL A 160 15.61 2.54 4.23
N HIS A 161 14.72 2.46 5.21
CA HIS A 161 15.12 2.44 6.61
C HIS A 161 14.99 1.01 7.14
N LEU A 162 16.00 0.55 7.88
CA LEU A 162 15.87 -0.70 8.63
C LEU A 162 15.55 -0.32 10.05
N LEU A 163 14.43 -0.82 10.55
CA LEU A 163 13.93 -0.47 11.85
C LEU A 163 13.98 -1.69 12.77
N GLN A 164 14.32 -1.48 14.03
CA GLN A 164 14.23 -2.54 15.02
C GLN A 164 12.97 -2.34 15.83
N LEU A 165 12.01 -3.23 15.66
CA LEU A 165 10.75 -3.18 16.41
C LEU A 165 10.89 -4.12 17.61
N GLU A 166 10.66 -3.60 18.80
CA GLU A 166 10.79 -4.44 19.98
C GLU A 166 9.48 -4.44 20.74
N ASN A 167 9.00 -5.64 21.03
CA ASN A 167 7.92 -5.87 22.00
C ASN A 167 8.48 -5.69 23.41
N ILE A 168 8.11 -4.59 24.07
CA ILE A 168 8.73 -4.24 25.34
C ILE A 168 8.42 -5.30 26.39
N ASN A 169 7.17 -5.75 26.45
CA ASN A 169 6.76 -6.74 27.44
C ASN A 169 7.49 -8.07 27.25
N SER A 170 7.58 -8.56 26.01
CA SER A 170 8.16 -9.87 25.71
C SER A 170 9.66 -9.85 25.43
N GLY A 171 10.27 -8.70 25.17
CA GLY A 171 11.68 -8.64 24.84
C GLY A 171 12.05 -9.10 23.44
N GLU A 172 11.11 -9.64 22.68
CA GLU A 172 11.43 -10.02 21.30
C GLU A 172 11.67 -8.77 20.46
N THR A 173 12.57 -8.89 19.50
CA THR A 173 12.81 -7.84 18.52
C THR A 173 12.67 -8.44 17.14
N ARG A 174 12.33 -7.56 16.19
CA ARG A 174 12.21 -7.97 14.80
C ARG A 174 12.70 -6.80 13.91
N THR A 175 13.44 -7.09 12.86
CA THR A 175 13.87 -6.05 11.94
C THR A 175 12.80 -5.82 10.84
N ILE A 176 12.34 -4.56 10.71
CA ILE A 176 11.34 -4.15 9.74
C ILE A 176 12.04 -3.38 8.64
N SER A 177 11.76 -3.75 7.39
CA SER A 177 12.22 -2.99 6.24
C SER A 177 11.19 -1.91 5.91
N HIS A 178 11.61 -0.65 5.96
CA HIS A 178 10.73 0.49 5.73
C HIS A 178 11.11 1.09 4.39
N PHE A 179 10.32 0.79 3.39
CA PHE A 179 10.61 1.21 2.02
C PHE A 179 9.87 2.50 1.72
N HIS A 180 10.59 3.64 1.63
CA HIS A 180 9.94 4.96 1.62
C HIS A 180 10.13 5.61 0.25
N TYR A 181 9.09 5.55 -0.58
CA TYR A 181 9.16 6.25 -1.86
C TYR A 181 8.78 7.71 -1.64
N THR A 182 9.72 8.63 -1.90
CA THR A 182 9.57 10.02 -1.47
C THR A 182 9.25 10.98 -2.61
N THR A 183 9.03 10.48 -3.82
CA THR A 183 8.82 11.38 -4.94
C THR A 183 7.54 11.01 -5.67
N TRP A 184 6.48 10.73 -4.92
CA TRP A 184 5.17 10.37 -5.49
C TRP A 184 4.13 11.35 -4.94
N PRO A 185 3.80 12.43 -5.66
CA PRO A 185 2.88 13.43 -5.11
C PRO A 185 1.49 12.87 -4.83
N ASP A 186 0.86 13.41 -3.79
CA ASP A 186 -0.54 13.13 -3.47
C ASP A 186 -1.44 13.37 -4.69
N PHE A 187 -2.27 12.37 -5.04
CA PHE A 187 -3.13 12.42 -6.23
C PHE A 187 -2.33 12.52 -7.52
N GLY A 188 -1.02 12.30 -7.46
CA GLY A 188 -0.22 12.28 -8.69
C GLY A 188 0.37 10.91 -9.02
N VAL A 189 1.43 10.90 -9.81
CA VAL A 189 2.11 9.70 -10.28
C VAL A 189 3.58 9.84 -9.96
N PRO A 190 4.32 8.73 -9.88
CA PRO A 190 5.76 8.83 -9.62
C PRO A 190 6.47 9.59 -10.73
N GLU A 191 7.70 9.96 -10.41
CA GLU A 191 8.55 10.68 -11.36
C GLU A 191 8.63 9.96 -12.71
N SER A 192 8.73 8.63 -12.73
CA SER A 192 8.76 7.88 -13.98
C SER A 192 8.36 6.43 -13.72
N PRO A 193 7.89 5.70 -14.74
CA PRO A 193 7.72 4.26 -14.58
C PRO A 193 9.01 3.57 -14.16
N ALA A 194 10.16 4.01 -14.69
CA ALA A 194 11.43 3.37 -14.37
C ALA A 194 11.76 3.52 -12.89
N SER A 195 11.59 4.71 -12.34
CA SER A 195 11.91 4.93 -10.94
C SER A 195 10.97 4.14 -10.02
N PHE A 196 9.67 4.12 -10.35
CA PHE A 196 8.74 3.30 -9.59
C PHE A 196 9.14 1.81 -9.65
N LEU A 197 9.54 1.32 -10.83
CA LEU A 197 9.82 -0.11 -10.99
C LEU A 197 11.08 -0.51 -10.22
N ASN A 198 12.09 0.37 -10.18
CA ASN A 198 13.28 0.09 -9.36
C ASN A 198 12.91 -0.03 -7.90
N PHE A 199 12.03 0.84 -7.43
CA PHE A 199 11.56 0.75 -6.06
C PHE A 199 10.85 -0.57 -5.82
N LEU A 200 9.94 -0.93 -6.74
CA LEU A 200 9.15 -2.15 -6.56
C LEU A 200 10.05 -3.39 -6.60
N PHE A 201 11.03 -3.38 -7.50
CA PHE A 201 11.93 -4.53 -7.60
C PHE A 201 12.77 -4.64 -6.34
N LYS A 202 13.21 -3.51 -5.80
CA LYS A 202 13.91 -3.52 -4.52
C LYS A 202 13.04 -4.13 -3.41
N VAL A 203 11.75 -3.75 -3.33
CA VAL A 203 10.88 -4.37 -2.34
C VAL A 203 10.80 -5.89 -2.57
N ARG A 204 10.62 -6.29 -3.83
CA ARG A 204 10.53 -7.71 -4.17
C ARG A 204 11.83 -8.43 -3.84
N GLU A 205 12.97 -7.90 -4.31
CA GLU A 205 14.24 -8.56 -4.08
C GLU A 205 14.58 -8.72 -2.61
N SER A 206 14.00 -7.93 -1.72
CA SER A 206 14.37 -7.97 -0.31
C SER A 206 13.94 -9.27 0.37
N GLY A 207 13.00 -10.01 -0.20
CA GLY A 207 12.43 -11.15 0.50
C GLY A 207 11.33 -10.83 1.48
N SER A 208 10.86 -9.56 1.53
CA SER A 208 9.87 -9.11 2.53
C SER A 208 8.43 -9.46 2.16
N LEU A 209 8.18 -9.85 0.90
CA LEU A 209 6.87 -10.34 0.46
C LEU A 209 6.84 -11.87 0.34
N ASN A 210 7.84 -12.57 0.89
CA ASN A 210 7.86 -14.03 0.88
C ASN A 210 6.69 -14.60 1.69
N PRO A 211 6.17 -15.80 1.31
CA PRO A 211 4.98 -16.33 2.02
C PRO A 211 5.24 -16.65 3.48
N ASP A 212 6.50 -16.84 3.88
CA ASP A 212 6.75 -17.09 5.30
C ASP A 212 6.77 -15.81 6.15
N HIS A 213 6.52 -14.64 5.56
CA HIS A 213 6.27 -13.44 6.35
C HIS A 213 4.78 -13.13 6.30
N GLY A 214 4.32 -12.36 7.26
CA GLY A 214 2.98 -11.85 7.21
C GLY A 214 2.88 -10.88 6.02
N PRO A 215 1.69 -10.40 5.75
CA PRO A 215 1.55 -9.48 4.62
C PRO A 215 2.34 -8.19 4.88
N ALA A 216 2.87 -7.62 3.80
CA ALA A 216 3.44 -6.29 3.88
C ALA A 216 2.34 -5.26 4.17
N VAL A 217 2.70 -4.20 4.89
CA VAL A 217 1.82 -3.08 5.15
C VAL A 217 2.17 -1.96 4.15
N ILE A 218 1.16 -1.60 3.32
CA ILE A 218 1.28 -0.57 2.30
C ILE A 218 0.50 0.63 2.79
N HIS A 219 1.12 1.82 2.76
CA HIS A 219 0.39 3.04 3.07
C HIS A 219 0.92 4.24 2.32
N CYS A 220 0.03 5.22 2.22
CA CYS A 220 0.21 6.58 1.70
C CYS A 220 -0.47 7.43 2.74
N SER A 221 -1.19 8.48 2.33
CA SER A 221 -1.95 9.23 3.33
C SER A 221 -3.27 8.56 3.67
N ALA A 222 -4.16 8.40 2.68
CA ALA A 222 -5.43 7.74 2.97
C ALA A 222 -5.35 6.22 2.77
N GLY A 223 -4.28 5.73 2.15
CA GLY A 223 -4.13 4.31 1.90
C GLY A 223 -4.95 3.78 0.76
N ILE A 224 -5.31 4.61 -0.24
CA ILE A 224 -6.14 4.12 -1.33
C ILE A 224 -5.60 4.53 -2.69
N GLY A 225 -5.18 5.78 -2.84
CA GLY A 225 -4.69 6.18 -4.15
C GLY A 225 -3.34 5.63 -4.55
N ARG A 226 -2.30 6.11 -3.89
CA ARG A 226 -0.97 5.61 -4.23
C ARG A 226 -0.81 4.17 -3.76
N SER A 227 -1.31 3.86 -2.55
CA SER A 227 -1.26 2.47 -2.09
C SER A 227 -1.97 1.54 -3.07
N GLY A 228 -3.11 1.95 -3.61
CA GLY A 228 -3.83 1.06 -4.52
C GLY A 228 -3.12 0.93 -5.86
N THR A 229 -2.48 2.01 -6.30
CA THR A 229 -1.71 1.97 -7.54
C THR A 229 -0.54 1.01 -7.41
N PHE A 230 0.20 1.12 -6.31
CA PHE A 230 1.34 0.24 -6.08
C PHE A 230 0.89 -1.21 -6.07
N SER A 231 -0.18 -1.48 -5.33
CA SER A 231 -0.67 -2.83 -5.17
C SER A 231 -1.13 -3.41 -6.49
N LEU A 232 -1.84 -2.60 -7.29
CA LEU A 232 -2.34 -3.13 -8.55
C LEU A 232 -1.20 -3.53 -9.47
N VAL A 233 -0.16 -2.70 -9.55
CA VAL A 233 0.93 -3.01 -10.48
C VAL A 233 1.62 -4.32 -10.06
N ASP A 234 1.93 -4.45 -8.76
CA ASP A 234 2.64 -5.65 -8.29
C ASP A 234 1.77 -6.88 -8.51
N THR A 235 0.47 -6.76 -8.17
CA THR A 235 -0.45 -7.89 -8.30
C THR A 235 -0.58 -8.33 -9.75
N CYS A 236 -0.79 -7.37 -10.66
CA CYS A 236 -0.91 -7.73 -12.06
C CYS A 236 0.36 -8.39 -12.59
N LEU A 237 1.53 -7.86 -12.21
CA LEU A 237 2.78 -8.47 -12.66
C LEU A 237 2.91 -9.89 -12.12
N VAL A 238 2.45 -10.15 -10.89
CA VAL A 238 2.44 -11.52 -10.38
C VAL A 238 1.49 -12.37 -11.21
N LEU A 239 0.28 -11.87 -11.51
CA LEU A 239 -0.69 -12.61 -12.32
C LEU A 239 -0.12 -12.94 -13.69
N MET A 240 0.75 -12.08 -14.21
CA MET A 240 1.30 -12.35 -15.52
C MET A 240 2.22 -13.57 -15.54
N GLU A 241 2.66 -14.04 -14.38
CA GLU A 241 3.52 -15.24 -14.35
C GLU A 241 2.81 -16.45 -14.95
N LYS A 242 1.47 -16.52 -14.83
CA LYS A 242 0.71 -17.66 -15.28
C LYS A 242 0.43 -17.64 -16.78
N GLY A 243 0.78 -16.57 -17.50
CA GLY A 243 0.73 -16.57 -18.94
C GLY A 243 -0.59 -16.24 -19.59
N ASP A 244 -1.66 -16.05 -18.81
CA ASP A 244 -2.94 -15.66 -19.40
C ASP A 244 -3.01 -14.14 -19.60
N ASP A 245 -3.72 -13.72 -20.64
CA ASP A 245 -4.01 -12.30 -20.80
C ASP A 245 -4.86 -11.79 -19.62
N ILE A 246 -4.43 -10.72 -18.99
CA ILE A 246 -5.06 -10.29 -17.75
C ILE A 246 -5.96 -9.09 -18.04
N ASN A 247 -7.04 -8.97 -17.27
CA ASN A 247 -8.03 -7.87 -17.36
C ASN A 247 -7.80 -6.91 -16.19
N ILE A 248 -7.06 -5.83 -16.44
CA ILE A 248 -6.64 -4.94 -15.35
C ILE A 248 -7.85 -4.30 -14.67
N LYS A 249 -8.87 -3.92 -15.45
CA LYS A 249 -10.09 -3.36 -14.90
C LYS A 249 -10.73 -4.30 -13.90
N GLN A 250 -10.82 -5.58 -14.23
CA GLN A 250 -11.42 -6.55 -13.32
C GLN A 250 -10.55 -6.81 -12.10
N VAL A 251 -9.23 -6.87 -12.27
CA VAL A 251 -8.36 -7.08 -11.11
C VAL A 251 -8.55 -5.96 -10.10
N LEU A 252 -8.63 -4.71 -10.60
CA LEU A 252 -8.80 -3.57 -9.72
C LEU A 252 -10.18 -3.58 -9.05
N LEU A 253 -11.24 -3.88 -9.82
CA LEU A 253 -12.57 -3.98 -9.20
C LEU A 253 -12.57 -5.03 -8.10
N ASN A 254 -11.92 -6.18 -8.33
CA ASN A 254 -11.85 -7.21 -7.30
C ASN A 254 -11.09 -6.72 -6.07
N MET A 255 -9.96 -6.03 -6.28
CA MET A 255 -9.23 -5.47 -5.15
C MET A 255 -10.07 -4.44 -4.41
N ARG A 256 -10.86 -3.65 -5.14
CA ARG A 256 -11.76 -2.67 -4.52
C ARG A 256 -12.88 -3.28 -3.68
N LYS A 257 -13.18 -4.59 -3.79
CA LYS A 257 -14.05 -5.24 -2.80
C LYS A 257 -13.41 -5.35 -1.41
N TYR A 258 -12.08 -5.27 -1.31
CA TYR A 258 -11.43 -5.32 0.01
C TYR A 258 -11.17 -3.94 0.63
N ARG A 259 -11.01 -2.88 -0.17
CA ARG A 259 -10.80 -1.54 0.37
C ARG A 259 -11.27 -0.53 -0.66
N MET A 260 -12.07 0.45 -0.24
CA MET A 260 -12.67 1.41 -1.18
C MET A 260 -11.63 2.28 -1.87
N GLY A 261 -11.95 2.67 -3.10
CA GLY A 261 -11.33 3.85 -3.70
C GLY A 261 -9.92 3.65 -4.16
N LEU A 262 -9.48 2.39 -4.33
CA LEU A 262 -8.13 2.12 -4.79
C LEU A 262 -7.89 2.69 -6.18
N ILE A 263 -6.79 3.47 -6.32
CA ILE A 263 -6.42 4.29 -7.47
C ILE A 263 -7.41 5.47 -7.56
N GLN A 264 -6.91 6.70 -7.48
CA GLN A 264 -7.77 7.88 -7.29
C GLN A 264 -7.96 8.77 -8.52
N THR A 265 -7.16 8.64 -9.57
CA THR A 265 -7.25 9.51 -10.72
C THR A 265 -7.09 8.70 -11.99
N PRO A 266 -7.66 9.20 -13.11
CA PRO A 266 -7.42 8.56 -14.40
C PRO A 266 -5.95 8.45 -14.75
N ASP A 267 -5.15 9.41 -14.31
CA ASP A 267 -3.73 9.33 -14.64
C ASP A 267 -3.01 8.24 -13.83
N GLN A 268 -3.43 8.02 -12.57
CA GLN A 268 -2.91 6.90 -11.78
C GLN A 268 -3.27 5.57 -12.43
N LEU A 269 -4.47 5.48 -13.01
CA LEU A 269 -4.83 4.30 -13.79
C LEU A 269 -3.96 4.16 -15.00
N ARG A 270 -3.77 5.24 -15.75
CA ARG A 270 -2.91 5.17 -16.93
C ARG A 270 -1.49 4.78 -16.53
N PHE A 271 -0.98 5.35 -15.43
CA PHE A 271 0.36 5.00 -14.96
C PHE A 271 0.45 3.52 -14.64
N SER A 272 -0.63 2.97 -14.08
CA SER A 272 -0.66 1.54 -13.75
C SER A 272 -0.42 0.67 -14.98
N TYR A 273 -1.11 0.97 -16.09
CA TYR A 273 -0.87 0.22 -17.32
C TYR A 273 0.57 0.35 -17.75
N MET A 274 1.12 1.58 -17.70
CA MET A 274 2.47 1.84 -18.18
C MET A 274 3.50 1.07 -17.38
N ALA A 275 3.36 1.07 -16.04
CA ALA A 275 4.32 0.37 -15.18
C ALA A 275 4.20 -1.16 -15.31
N ILE A 276 2.98 -1.68 -15.49
CA ILE A 276 2.87 -3.10 -15.76
C ILE A 276 3.59 -3.45 -17.07
N ILE A 277 3.36 -2.66 -18.12
CA ILE A 277 3.98 -2.95 -19.41
C ILE A 277 5.50 -2.83 -19.30
N GLU A 278 5.98 -1.70 -18.80
CA GLU A 278 7.43 -1.55 -18.73
C GLU A 278 8.03 -2.52 -17.74
N GLY A 279 7.30 -2.88 -16.68
CA GLY A 279 7.82 -3.87 -15.75
C GLY A 279 7.96 -5.25 -16.36
N ALA A 280 6.97 -5.69 -17.14
CA ALA A 280 7.10 -6.95 -17.84
C ALA A 280 8.27 -6.93 -18.80
N LYS A 281 8.47 -5.81 -19.53
CA LYS A 281 9.63 -5.71 -20.39
C LYS A 281 10.92 -5.83 -19.60
N CYS A 282 11.02 -5.20 -18.42
CA CYS A 282 12.26 -5.28 -17.64
C CYS A 282 12.54 -6.71 -17.24
N ILE A 283 11.51 -7.46 -16.86
CA ILE A 283 11.70 -8.80 -16.32
C ILE A 283 12.16 -9.90 -17.37
C15 A1EQR B . -7.97 11.87 0.61
C17 A1EQR B . -10.38 11.85 1.44
C20 A1EQR B . -10.78 15.04 3.23
C22 A1EQR B . -10.30 17.36 4.01
C24 A1EQR B . -8.51 19.16 4.58
C26 A1EQR B . -10.89 20.13 4.69
C28 A1EQR B . -10.82 18.32 2.90
C02 A1EQR B . -7.11 10.33 -0.93
C03 A1EQR B . -5.86 10.86 -0.73
C05 A1EQR B . -4.61 10.60 -2.76
C06 A1EQR B . -3.39 9.61 -3.37
C12 A1EQR B . -5.61 11.90 0.17
C14 A1EQR B . -6.69 12.41 0.85
C16 A1EQR B . -9.15 12.43 1.32
C19 A1EQR B . -10.35 13.77 2.43
C23 A1EQR B . -9.14 17.83 4.95
C25 A1EQR B . -9.40 20.37 4.85
C27 A1EQR B . -11.34 19.71 3.30
C31 A1EQR B . -8.21 10.84 -0.28
F01 A1EQR B . -7.26 9.36 -1.87
N04 A1EQR B . -4.81 10.26 -1.56
N07 A1EQR B . -3.03 8.62 -2.18
N18 A1EQR B . -11.09 12.70 2.14
N21 A1EQR B . -9.81 16.15 3.25
N30 A1EQR B . -9.15 13.62 1.88
O09 A1EQR B . -4.82 7.81 -0.77
O10 A1EQR B . -3.03 9.34 0.09
O11 A1EQR B . -2.90 9.65 -4.51
O13 A1EQR B . -4.30 12.38 0.30
O29 A1EQR B . -11.80 15.07 3.82
S08 A1EQR B . -3.84 8.88 -1.04
#